data_6YMI
#
_entry.id   6YMI
#
_cell.length_a   86.506
_cell.length_b   147.359
_cell.length_c   74.844
_cell.angle_alpha   90.000
_cell.angle_beta   91.364
_cell.angle_gamma   90.000
#
_symmetry.space_group_name_H-M   'C 1 2 1'
#
loop_
_entity.id
_entity.type
_entity.pdbx_description
1 polymer 'Chains: A,C,F,I,M,O'
2 polymer 'Chains: B,D,G,J,N,P'
3 non-polymer "5-BROMOCYTIDINE 5'-(DIHYDROGEN PHOSPHATE)"
4 non-polymer 'ADENOSINE MONOPHOSPHATE'
5 water water
#
loop_
_entity_poly.entity_id
_entity_poly.type
_entity_poly.pdbx_seq_one_letter_code
_entity_poly.pdbx_strand_id
1 'polyribonucleotide' GGU(CBV)ACAACGGCUUCCUGGCGUGACC A,C,F,I,M,O
2 'polyribonucleotide' AUUGGAGCA B,D,G,J,N,P
#